data_1IS9
#
_entry.id   1IS9
#
_cell.length_a   49.441
_cell.length_b   62.829
_cell.length_c   103.891
_cell.angle_alpha   90.00
_cell.angle_beta   90.00
_cell.angle_gamma   90.00
#
_symmetry.space_group_name_H-M   'P 21 21 21'
#
loop_
_entity.id
_entity.type
_entity.pdbx_description
1 polymer 'endoglucanase A'
2 non-polymer 'MERCURY (II) ION'
3 non-polymer 'CHLORIDE ION'
4 water water
#
_entity_poly.entity_id   1
_entity_poly.type   'polypeptide(L)'
_entity_poly.pdbx_seq_one_letter_code
;AGVPFNTKYPYGPTSIADNQSEVTAMLKAEWEDWKSKRITSNGAGGYKRVQRDASTNYDTVSEGMGYGLLLAVCFNEQAL
FDDLYRYVKSHFNGNGLMHWHIDANNNVTSHDGGDGAATDADEDIALALIFADKQWGSSGAINYGQEARTLINNLYNHCV
EHGSYVLKPGDRWGGSSVTNPSYFAPAWYKVYAQYTGDTRWNQVADKCYQIVEEVKKYNNGTGLVPDWCTASGTPASGQS
YDYKYDATRYGWRTAVDYSWFGDQRAKANCDMLTKFFARDGAKGIVDGYTIQGSKISNNHNASFIGPVAAASMTGYDLNF
AKELYRETVAVKDSEYYGYYGNSLRLLTLLYITGNFPNPLSDL
;
_entity_poly.pdbx_strand_id   A
#
loop_
_chem_comp.id
_chem_comp.type
_chem_comp.name
_chem_comp.formula
CL non-polymer 'CHLORIDE ION' 'Cl -1'
HG non-polymer 'MERCURY (II) ION' 'Hg 2'
#
# COMPACT_ATOMS: atom_id res chain seq x y z
N ALA A 1 2.42 -22.40 6.12
CA ALA A 1 2.93 -21.06 5.72
C ALA A 1 1.81 -20.08 5.37
N GLY A 2 2.00 -18.83 5.77
CA GLY A 2 1.04 -17.78 5.45
C GLY A 2 -0.22 -17.86 6.30
N VAL A 3 -1.27 -17.21 5.80
CA VAL A 3 -2.54 -17.15 6.49
C VAL A 3 -2.90 -18.50 7.01
N PRO A 4 -3.46 -18.61 8.20
CA PRO A 4 -3.19 -17.83 9.38
C PRO A 4 -1.75 -17.80 9.87
N PHE A 5 -1.14 -16.62 9.98
CA PHE A 5 0.23 -16.55 10.47
C PHE A 5 0.36 -16.95 11.93
N ASN A 6 -0.66 -16.70 12.73
CA ASN A 6 -0.70 -16.99 14.14
C ASN A 6 0.33 -16.23 14.97
N THR A 7 0.79 -15.15 14.38
CA THR A 7 1.79 -14.28 15.00
C THR A 7 1.11 -13.20 15.83
N LYS A 8 1.88 -12.58 16.71
CA LYS A 8 1.36 -11.47 17.49
C LYS A 8 2.22 -10.25 17.16
N TYR A 9 1.58 -9.16 16.72
CA TYR A 9 2.36 -7.93 16.51
C TYR A 9 2.97 -7.56 17.85
N PRO A 10 4.20 -7.05 17.86
CA PRO A 10 4.86 -6.70 19.11
C PRO A 10 4.30 -5.48 19.81
N TYR A 11 3.53 -4.66 19.12
CA TYR A 11 2.91 -3.49 19.68
C TYR A 11 1.46 -3.42 19.22
N GLY A 12 0.59 -2.88 20.04
CA GLY A 12 -0.81 -2.73 19.69
C GLY A 12 -1.55 -4.06 19.72
N PRO A 13 -2.79 -4.02 19.24
CA PRO A 13 -3.61 -5.22 19.21
C PRO A 13 -3.05 -6.20 18.18
N THR A 14 -3.25 -7.46 18.52
CA THR A 14 -2.93 -8.62 17.71
C THR A 14 -3.91 -8.69 16.54
N SER A 15 -5.17 -8.35 16.78
CA SER A 15 -6.27 -8.39 15.83
C SER A 15 -7.42 -7.56 16.40
N ILE A 16 -8.20 -6.94 15.55
CA ILE A 16 -9.40 -6.21 15.93
C ILE A 16 -10.63 -6.95 15.42
N ALA A 17 -10.46 -8.18 14.93
CA ALA A 17 -11.61 -8.94 14.47
C ALA A 17 -12.54 -9.26 15.63
N VAL A 23 -12.39 -16.05 11.08
CA VAL A 23 -11.69 -15.03 10.30
C VAL A 23 -10.83 -15.67 9.24
N THR A 24 -10.08 -16.72 9.59
CA THR A 24 -9.23 -17.38 8.61
C THR A 24 -10.01 -17.89 7.42
N ALA A 25 -11.15 -18.53 7.71
CA ALA A 25 -11.98 -19.07 6.62
C ALA A 25 -12.48 -17.93 5.74
N MET A 26 -12.88 -16.83 6.38
CA MET A 26 -13.38 -15.66 5.65
C MET A 26 -12.27 -15.09 4.76
N LEU A 27 -11.07 -14.96 5.30
CA LEU A 27 -9.98 -14.41 4.50
C LEU A 27 -9.71 -15.27 3.28
N LYS A 28 -9.66 -16.59 3.49
CA LYS A 28 -9.36 -17.49 2.38
C LYS A 28 -10.47 -17.40 1.32
N ALA A 29 -11.72 -17.26 1.73
CA ALA A 29 -12.80 -17.15 0.77
C ALA A 29 -12.68 -15.84 0.00
N GLU A 30 -12.32 -14.75 0.68
CA GLU A 30 -12.17 -13.44 0.02
C GLU A 30 -10.98 -13.48 -0.92
N TRP A 31 -9.91 -14.20 -0.56
CA TRP A 31 -8.77 -14.37 -1.46
C TRP A 31 -9.20 -15.15 -2.69
N GLU A 32 -9.93 -16.25 -2.52
CA GLU A 32 -10.34 -17.03 -3.69
C GLU A 32 -11.17 -16.16 -4.62
N ASP A 33 -12.03 -15.31 -4.07
CA ASP A 33 -12.85 -14.43 -4.87
C ASP A 33 -12.00 -13.40 -5.61
N TRP A 34 -11.07 -12.76 -4.90
CA TRP A 34 -10.20 -11.76 -5.51
C TRP A 34 -9.40 -12.41 -6.61
N LYS A 35 -8.81 -13.56 -6.34
CA LYS A 35 -7.99 -14.26 -7.33
C LYS A 35 -8.79 -14.57 -8.59
N SER A 36 -10.02 -15.06 -8.39
CA SER A 36 -10.85 -15.43 -9.54
C SER A 36 -11.08 -14.22 -10.43
N LYS A 37 -11.42 -13.08 -9.82
CA LYS A 37 -11.79 -11.88 -10.54
C LYS A 37 -10.61 -11.12 -11.10
N ARG A 38 -9.52 -11.04 -10.36
CA ARG A 38 -8.41 -10.15 -10.67
C ARG A 38 -7.25 -10.75 -11.42
N ILE A 39 -7.04 -12.05 -11.33
CA ILE A 39 -5.88 -12.67 -11.96
C ILE A 39 -6.25 -13.21 -13.33
N THR A 40 -5.43 -12.93 -14.33
CA THR A 40 -5.67 -13.46 -15.65
C THR A 40 -4.36 -13.74 -16.36
N SER A 41 -4.41 -14.69 -17.28
CA SER A 41 -3.32 -14.96 -18.20
C SER A 41 -3.51 -14.15 -19.49
N ASN A 42 -4.71 -13.65 -19.75
CA ASN A 42 -4.95 -12.90 -20.99
C ASN A 42 -4.13 -11.63 -20.96
N GLY A 43 -3.31 -11.40 -21.99
CA GLY A 43 -2.49 -10.21 -22.04
C GLY A 43 -1.35 -10.21 -21.04
N ALA A 44 -0.96 -11.39 -20.56
CA ALA A 44 0.09 -11.48 -19.56
C ALA A 44 1.39 -12.07 -20.07
N GLY A 45 1.56 -12.21 -21.38
CA GLY A 45 2.83 -12.59 -21.97
C GLY A 45 3.37 -13.96 -21.64
N GLY A 46 2.47 -14.87 -21.27
CA GLY A 46 2.79 -16.22 -20.90
C GLY A 46 2.74 -16.44 -19.39
N TYR A 47 2.53 -15.36 -18.66
CA TYR A 47 2.57 -15.35 -17.20
C TYR A 47 1.19 -15.06 -16.66
N LYS A 48 1.08 -14.34 -15.56
CA LYS A 48 -0.19 -13.90 -15.00
C LYS A 48 -0.08 -12.42 -14.63
N ARG A 49 -1.20 -11.73 -14.66
CA ARG A 49 -1.21 -10.33 -14.24
C ARG A 49 -2.44 -10.08 -13.38
N VAL A 50 -2.37 -8.98 -12.64
CA VAL A 50 -3.51 -8.45 -11.89
C VAL A 50 -4.18 -7.44 -12.84
N GLN A 51 -5.42 -7.72 -13.24
CA GLN A 51 -6.15 -6.78 -14.07
C GLN A 51 -7.00 -5.87 -13.17
N ARG A 52 -7.17 -4.64 -13.66
CA ARG A 52 -8.17 -3.75 -13.11
C ARG A 52 -9.55 -4.24 -13.60
N ASP A 53 -10.56 -3.41 -13.41
CA ASP A 53 -11.94 -3.81 -13.65
C ASP A 53 -12.48 -3.31 -14.97
N ALA A 54 -13.77 -3.56 -15.18
CA ALA A 54 -14.44 -3.16 -16.41
C ALA A 54 -14.34 -1.66 -16.65
N SER A 55 -14.32 -0.87 -15.58
CA SER A 55 -14.31 0.59 -15.72
C SER A 55 -13.09 1.11 -16.45
N THR A 56 -12.01 0.35 -16.48
CA THR A 56 -10.81 0.73 -17.22
C THR A 56 -10.40 -0.38 -18.18
N ASN A 57 -11.37 -1.17 -18.62
CA ASN A 57 -11.19 -2.21 -19.61
C ASN A 57 -10.07 -3.21 -19.32
N TYR A 58 -9.97 -3.61 -18.05
CA TYR A 58 -9.12 -4.72 -17.69
C TYR A 58 -7.65 -4.54 -18.04
N ASP A 59 -7.19 -3.29 -17.92
CA ASP A 59 -5.78 -2.95 -18.05
C ASP A 59 -5.06 -3.40 -16.76
N THR A 60 -3.77 -3.11 -16.69
CA THR A 60 -2.96 -3.39 -15.52
C THR A 60 -2.20 -2.12 -15.14
N VAL A 61 -2.15 -1.87 -13.83
CA VAL A 61 -1.25 -0.83 -13.30
C VAL A 61 -0.25 -1.54 -12.38
N SER A 62 0.96 -0.96 -12.31
CA SER A 62 1.97 -1.59 -11.48
C SER A 62 1.54 -1.71 -10.02
N GLU A 63 0.72 -0.77 -9.53
CA GLU A 63 0.28 -0.88 -8.13
C GLU A 63 -0.50 -2.18 -7.91
N GLY A 64 -1.29 -2.59 -8.89
CA GLY A 64 -2.09 -3.81 -8.79
C GLY A 64 -1.18 -5.02 -8.72
N MET A 65 -0.05 -5.00 -9.44
CA MET A 65 0.93 -6.08 -9.34
C MET A 65 1.49 -6.13 -7.92
N GLY A 66 1.78 -4.95 -7.34
CA GLY A 66 2.25 -4.90 -5.96
C GLY A 66 1.21 -5.52 -5.01
N TYR A 67 -0.06 -5.15 -5.18
CA TYR A 67 -1.10 -5.72 -4.32
C TYR A 67 -1.17 -7.23 -4.50
N GLY A 68 -1.16 -7.70 -5.74
CA GLY A 68 -1.27 -9.13 -5.99
C GLY A 68 -0.12 -9.93 -5.43
N LEU A 69 1.09 -9.38 -5.50
CA LEU A 69 2.25 -10.09 -4.92
C LEU A 69 2.17 -10.11 -3.39
N LEU A 70 1.79 -9.00 -2.79
CA LEU A 70 1.64 -8.98 -1.32
C LEU A 70 0.60 -10.02 -0.89
N LEU A 71 -0.52 -10.08 -1.61
CA LEU A 71 -1.57 -11.02 -1.27
C LEU A 71 -1.13 -12.46 -1.55
N ALA A 72 -0.53 -12.70 -2.71
CA ALA A 72 -0.18 -14.08 -3.08
C ALA A 72 0.81 -14.70 -2.09
N VAL A 73 1.79 -13.93 -1.62
CA VAL A 73 2.73 -14.52 -0.65
C VAL A 73 2.04 -14.75 0.68
N CYS A 74 1.20 -13.81 1.12
CA CYS A 74 0.52 -14.00 2.41
C CYS A 74 -0.44 -15.20 2.36
N PHE A 75 -0.99 -15.51 1.20
CA PHE A 75 -1.89 -16.65 1.05
C PHE A 75 -1.16 -17.90 0.57
N ASN A 76 0.17 -17.91 0.65
CA ASN A 76 0.99 -19.07 0.32
C ASN A 76 0.71 -19.62 -1.07
N GLU A 77 0.72 -18.73 -2.06
CA GLU A 77 0.44 -19.09 -3.45
C GLU A 77 1.72 -18.88 -4.28
N GLN A 78 2.69 -19.78 -4.13
CA GLN A 78 3.99 -19.60 -4.74
C GLN A 78 3.98 -19.63 -6.26
N ALA A 79 3.27 -20.58 -6.86
CA ALA A 79 3.25 -20.66 -8.33
C ALA A 79 2.66 -19.38 -8.91
N LEU A 80 1.58 -18.91 -8.30
CA LEU A 80 0.96 -17.67 -8.77
C LEU A 80 1.90 -16.49 -8.56
N PHE A 81 2.49 -16.39 -7.37
CA PHE A 81 3.44 -15.30 -7.11
C PHE A 81 4.50 -15.24 -8.20
N ASP A 82 5.07 -16.41 -8.51
CA ASP A 82 6.16 -16.43 -9.48
C ASP A 82 5.70 -15.97 -10.85
N ASP A 83 4.50 -16.36 -11.27
CA ASP A 83 4.00 -15.91 -12.57
C ASP A 83 3.71 -14.41 -12.55
N LEU A 84 3.17 -13.90 -11.45
CA LEU A 84 2.93 -12.46 -11.34
C LEU A 84 4.27 -11.73 -11.42
N TYR A 85 5.28 -12.25 -10.72
CA TYR A 85 6.56 -11.57 -10.74
C TYR A 85 7.21 -11.65 -12.12
N ARG A 86 7.02 -12.75 -12.85
CA ARG A 86 7.56 -12.80 -14.21
C ARG A 86 6.92 -11.69 -15.05
N TYR A 87 5.62 -11.43 -14.86
CA TYR A 87 5.00 -10.32 -15.59
C TYR A 87 5.63 -8.99 -15.19
N VAL A 88 5.81 -8.76 -13.88
CA VAL A 88 6.49 -7.54 -13.46
C VAL A 88 7.84 -7.40 -14.16
N LYS A 89 8.66 -8.45 -14.11
CA LYS A 89 10.01 -8.36 -14.66
C LYS A 89 9.99 -8.11 -16.16
N SER A 90 8.98 -8.62 -16.85
CA SER A 90 8.78 -8.42 -18.26
C SER A 90 8.39 -6.98 -18.58
N HIS A 91 8.17 -6.17 -17.54
CA HIS A 91 7.80 -4.79 -17.66
C HIS A 91 8.73 -3.84 -16.89
N PHE A 92 9.90 -4.29 -16.45
CA PHE A 92 10.83 -3.34 -15.84
C PHE A 92 11.33 -2.37 -16.90
N ASN A 93 11.38 -1.09 -16.54
CA ASN A 93 11.85 -0.04 -17.45
C ASN A 93 13.36 0.07 -17.39
N GLY A 94 13.90 1.10 -18.06
CA GLY A 94 15.35 1.27 -18.12
C GLY A 94 16.01 1.51 -16.79
N ASN A 95 15.23 1.87 -15.79
CA ASN A 95 15.72 2.08 -14.43
C ASN A 95 15.45 0.91 -13.51
N GLY A 96 14.94 -0.20 -14.05
CA GLY A 96 14.66 -1.37 -13.24
C GLY A 96 13.39 -1.28 -12.39
N LEU A 97 12.46 -0.44 -12.82
CA LEU A 97 11.21 -0.21 -12.09
C LEU A 97 10.06 -0.46 -13.03
N MET A 98 8.93 -0.96 -12.53
CA MET A 98 7.90 -1.41 -13.47
C MET A 98 7.20 -0.30 -14.20
N HIS A 99 7.02 -0.46 -15.52
CA HIS A 99 6.14 0.45 -16.28
C HIS A 99 4.82 0.53 -15.53
N TRP A 100 4.29 1.74 -15.31
CA TRP A 100 3.13 1.85 -14.44
C TRP A 100 1.83 1.42 -15.08
N HIS A 101 1.70 1.54 -16.40
CA HIS A 101 0.42 1.29 -17.05
C HIS A 101 0.57 0.48 -18.32
N ILE A 102 -0.13 -0.66 -18.35
CA ILE A 102 -0.12 -1.59 -19.48
C ILE A 102 -1.56 -1.89 -19.85
N ASP A 103 -1.88 -1.90 -21.13
CA ASP A 103 -3.24 -2.23 -21.55
C ASP A 103 -3.45 -3.74 -21.51
N ALA A 104 -4.70 -4.15 -21.77
CA ALA A 104 -5.08 -5.54 -21.71
C ALA A 104 -4.39 -6.38 -22.77
N ASN A 105 -3.79 -5.76 -23.78
CA ASN A 105 -3.05 -6.47 -24.81
C ASN A 105 -1.54 -6.49 -24.57
N ASN A 106 -1.14 -6.10 -23.36
CA ASN A 106 0.25 -6.15 -22.94
C ASN A 106 1.13 -5.08 -23.59
N ASN A 107 0.53 -3.99 -24.03
CA ASN A 107 1.27 -2.86 -24.56
C ASN A 107 1.33 -1.75 -23.50
N VAL A 108 2.50 -1.18 -23.28
CA VAL A 108 2.64 -0.03 -22.40
C VAL A 108 1.82 1.10 -23.02
N THR A 109 1.09 1.83 -22.18
CA THR A 109 0.20 2.88 -22.68
C THR A 109 0.95 4.13 -23.10
N SER A 110 0.31 4.78 -24.07
CA SER A 110 0.75 6.02 -24.66
C SER A 110 0.00 7.22 -24.07
N HIS A 111 0.65 8.36 -24.14
CA HIS A 111 0.12 9.64 -23.70
C HIS A 111 -0.08 9.80 -22.20
N ASP A 112 0.29 8.82 -21.38
CA ASP A 112 0.13 9.03 -19.94
C ASP A 112 1.40 8.61 -19.20
N GLY A 113 2.54 8.62 -19.88
CA GLY A 113 3.82 8.27 -19.30
C GLY A 113 3.86 6.85 -18.77
N GLY A 114 3.20 5.93 -19.47
CA GLY A 114 3.10 4.54 -19.05
C GLY A 114 4.44 3.86 -18.89
N ASP A 115 5.48 4.34 -19.59
CA ASP A 115 6.82 3.78 -19.47
C ASP A 115 7.44 4.05 -18.11
N GLY A 116 7.11 5.20 -17.52
CA GLY A 116 7.64 5.56 -16.21
C GLY A 116 7.01 4.69 -15.13
N ALA A 117 7.67 4.63 -13.99
CA ALA A 117 7.20 3.82 -12.87
C ALA A 117 6.49 4.68 -11.83
N ALA A 118 5.81 4.01 -10.89
CA ALA A 118 5.10 4.66 -9.79
C ALA A 118 5.68 4.06 -8.50
N THR A 119 6.24 4.90 -7.64
CA THR A 119 7.04 4.41 -6.53
C THR A 119 6.35 3.47 -5.60
N ASP A 120 5.07 3.73 -5.30
CA ASP A 120 4.35 2.86 -4.38
C ASP A 120 4.25 1.42 -4.88
N ALA A 121 4.11 1.24 -6.18
CA ALA A 121 4.04 -0.11 -6.75
C ALA A 121 5.33 -0.88 -6.45
N ASP A 122 6.46 -0.28 -6.83
CA ASP A 122 7.72 -1.00 -6.67
C ASP A 122 8.06 -1.18 -5.20
N GLU A 123 7.62 -0.28 -4.33
CA GLU A 123 7.87 -0.51 -2.90
C GLU A 123 7.13 -1.76 -2.44
N ASP A 124 5.90 -1.96 -2.90
CA ASP A 124 5.13 -3.15 -2.53
C ASP A 124 5.72 -4.40 -3.14
N ILE A 125 6.13 -4.31 -4.42
CA ILE A 125 6.77 -5.45 -5.08
C ILE A 125 8.01 -5.87 -4.30
N ALA A 126 8.82 -4.91 -3.88
CA ALA A 126 10.04 -5.21 -3.15
C ALA A 126 9.73 -5.87 -1.80
N LEU A 127 8.75 -5.31 -1.06
CA LEU A 127 8.38 -5.92 0.21
C LEU A 127 7.88 -7.34 0.01
N ALA A 128 7.07 -7.55 -1.03
CA ALA A 128 6.53 -8.89 -1.29
C ALA A 128 7.66 -9.88 -1.57
N LEU A 129 8.68 -9.43 -2.30
CA LEU A 129 9.84 -10.30 -2.58
C LEU A 129 10.56 -10.68 -1.29
N ILE A 130 10.68 -9.75 -0.34
CA ILE A 130 11.29 -10.08 0.95
C ILE A 130 10.45 -11.14 1.65
N PHE A 131 9.12 -10.98 1.69
CA PHE A 131 8.27 -12.00 2.27
C PHE A 131 8.52 -13.33 1.58
N ALA A 132 8.55 -13.35 0.26
CA ALA A 132 8.74 -14.61 -0.48
C ALA A 132 10.06 -15.28 -0.10
N ASP A 133 11.13 -14.50 -0.01
CA ASP A 133 12.43 -15.02 0.41
C ASP A 133 12.31 -15.67 1.79
N LYS A 134 11.67 -14.96 2.71
CA LYS A 134 11.58 -15.47 4.08
C LYS A 134 10.63 -16.64 4.22
N GLN A 135 9.54 -16.67 3.47
CA GLN A 135 8.56 -17.73 3.59
C GLN A 135 8.89 -19.00 2.83
N TRP A 136 9.39 -18.86 1.62
CA TRP A 136 9.68 -19.98 0.74
C TRP A 136 11.14 -20.26 0.48
N GLY A 137 12.01 -19.28 0.66
CA GLY A 137 13.42 -19.47 0.29
C GLY A 137 13.62 -19.04 -1.16
N SER A 138 14.89 -18.72 -1.47
CA SER A 138 15.26 -18.21 -2.77
C SER A 138 16.07 -19.15 -3.63
N SER A 139 16.08 -20.45 -3.35
CA SER A 139 16.87 -21.38 -4.16
C SER A 139 16.11 -22.01 -5.32
N GLY A 140 14.84 -21.68 -5.49
CA GLY A 140 14.01 -22.24 -6.52
C GLY A 140 14.11 -21.51 -7.84
N ALA A 141 12.99 -21.47 -8.58
CA ALA A 141 12.95 -20.84 -9.89
C ALA A 141 13.30 -19.37 -9.83
N ILE A 142 12.84 -18.66 -8.80
CA ILE A 142 13.10 -17.24 -8.66
C ILE A 142 13.90 -16.98 -7.40
N ASN A 143 15.00 -16.26 -7.54
CA ASN A 143 15.83 -15.89 -6.40
C ASN A 143 15.23 -14.61 -5.81
N TYR A 144 14.23 -14.80 -4.94
CA TYR A 144 13.50 -13.65 -4.42
C TYR A 144 14.40 -12.62 -3.76
N GLY A 145 15.36 -13.07 -2.97
CA GLY A 145 16.23 -12.14 -2.25
C GLY A 145 17.08 -11.30 -3.16
N GLN A 146 17.57 -11.93 -4.23
CA GLN A 146 18.38 -11.20 -5.20
C GLN A 146 17.51 -10.18 -5.93
N GLU A 147 16.30 -10.62 -6.30
CA GLU A 147 15.39 -9.71 -6.99
C GLU A 147 15.01 -8.54 -6.09
N ALA A 148 14.82 -8.80 -4.81
CA ALA A 148 14.47 -7.76 -3.86
C ALA A 148 15.62 -6.77 -3.72
N ARG A 149 16.85 -7.28 -3.56
CA ARG A 149 17.99 -6.38 -3.40
C ARG A 149 18.16 -5.49 -4.63
N THR A 150 18.02 -6.06 -5.82
CA THR A 150 18.13 -5.27 -7.04
C THR A 150 17.07 -4.17 -7.06
N LEU A 151 15.83 -4.55 -6.73
CA LEU A 151 14.72 -3.58 -6.80
C LEU A 151 14.89 -2.48 -5.78
N ILE A 152 15.29 -2.84 -4.55
CA ILE A 152 15.51 -1.84 -3.50
C ILE A 152 16.61 -0.88 -3.90
N ASN A 153 17.68 -1.38 -4.52
CA ASN A 153 18.74 -0.49 -4.99
C ASN A 153 18.22 0.46 -6.08
N ASN A 154 17.40 -0.05 -6.99
CA ASN A 154 16.82 0.80 -8.02
C ASN A 154 15.91 1.86 -7.43
N LEU A 155 15.12 1.46 -6.42
CA LEU A 155 14.25 2.41 -5.73
C LEU A 155 15.07 3.52 -5.09
N TYR A 156 16.15 3.14 -4.38
CA TYR A 156 16.93 4.18 -3.71
C TYR A 156 17.58 5.11 -4.72
N ASN A 157 18.15 4.52 -5.76
CA ASN A 157 18.88 5.31 -6.74
C ASN A 157 18.00 6.28 -7.52
N HIS A 158 16.80 5.84 -7.90
CA HIS A 158 15.95 6.66 -8.75
C HIS A 158 14.78 7.34 -8.08
N CYS A 159 14.41 6.88 -6.89
CA CYS A 159 13.19 7.38 -6.26
C CYS A 159 13.36 8.08 -4.93
N VAL A 160 14.59 8.33 -4.53
CA VAL A 160 14.88 9.06 -3.31
C VAL A 160 15.75 10.26 -3.67
N GLU A 161 15.35 11.46 -3.27
CA GLU A 161 16.25 12.62 -3.46
C GLU A 161 17.47 12.40 -2.56
N HIS A 162 18.71 12.28 -3.03
CA HIS A 162 19.84 11.88 -2.20
C HIS A 162 20.37 12.78 -1.10
N GLY A 163 20.05 14.06 -1.06
CA GLY A 163 20.34 15.05 -0.07
C GLY A 163 19.23 15.21 0.97
N SER A 164 17.98 15.40 0.54
CA SER A 164 16.84 15.59 1.42
C SER A 164 16.16 14.31 1.88
N TYR A 165 16.36 13.24 1.14
CA TYR A 165 15.72 11.96 1.38
C TYR A 165 14.22 11.97 1.05
N VAL A 166 13.72 12.99 0.36
CA VAL A 166 12.33 13.04 -0.06
C VAL A 166 12.06 11.89 -1.03
N LEU A 167 10.93 11.23 -0.85
CA LEU A 167 10.49 10.16 -1.73
C LEU A 167 9.87 10.74 -3.00
N LYS A 168 10.40 10.39 -4.15
CA LYS A 168 9.85 10.85 -5.43
C LYS A 168 8.68 9.96 -5.81
N PRO A 169 7.69 10.47 -6.53
CA PRO A 169 6.52 9.70 -6.93
C PRO A 169 6.76 8.87 -8.17
N GLY A 170 7.78 9.25 -8.94
CA GLY A 170 8.17 8.51 -10.14
C GLY A 170 9.69 8.50 -10.24
N ASP A 171 10.20 7.66 -11.13
CA ASP A 171 11.64 7.55 -11.31
C ASP A 171 12.18 8.71 -12.13
N ARG A 172 11.33 9.42 -12.84
CA ARG A 172 11.83 10.51 -13.68
C ARG A 172 11.17 11.84 -13.42
N TRP A 173 10.40 11.98 -12.34
CA TRP A 173 9.77 13.26 -12.03
C TRP A 173 9.41 13.34 -10.56
N GLY A 174 9.20 14.59 -10.13
CA GLY A 174 8.76 14.88 -8.80
C GLY A 174 9.86 14.81 -7.76
N GLY A 175 9.42 14.89 -6.50
CA GLY A 175 10.33 15.04 -5.38
C GLY A 175 9.81 16.19 -4.52
N SER A 176 10.69 17.11 -4.10
CA SER A 176 10.28 18.20 -3.21
C SER A 176 9.17 19.09 -3.74
N SER A 177 9.01 19.22 -5.05
CA SER A 177 7.93 20.07 -5.56
C SER A 177 6.61 19.31 -5.67
N VAL A 178 6.63 17.98 -5.60
CA VAL A 178 5.42 17.19 -5.68
C VAL A 178 5.72 15.73 -5.40
N THR A 179 5.05 15.22 -4.36
CA THR A 179 5.06 13.79 -4.09
C THR A 179 3.76 13.44 -3.37
N ASN A 180 3.62 12.16 -3.04
CA ASN A 180 2.34 11.59 -2.65
C ASN A 180 2.40 10.91 -1.31
N PRO A 181 1.83 11.52 -0.28
CA PRO A 181 1.89 10.92 1.06
C PRO A 181 1.42 9.48 1.15
N SER A 182 0.45 9.07 0.35
CA SER A 182 -0.01 7.68 0.36
C SER A 182 1.05 6.68 -0.09
N TYR A 183 2.16 7.18 -0.62
CA TYR A 183 3.26 6.29 -0.99
C TYR A 183 4.21 6.08 0.20
N PHE A 184 4.12 6.93 1.21
CA PHE A 184 5.04 6.90 2.35
C PHE A 184 4.88 5.60 3.13
N ALA A 185 5.99 4.90 3.33
CA ALA A 185 5.93 3.60 3.99
C ALA A 185 7.09 3.39 4.92
N PRO A 186 7.15 4.13 6.03
CA PRO A 186 8.24 3.98 6.98
C PRO A 186 8.54 2.54 7.38
N ALA A 187 7.52 1.70 7.63
CA ALA A 187 7.81 0.33 8.03
C ALA A 187 8.49 -0.45 6.91
N TRP A 188 8.08 -0.19 5.67
CA TRP A 188 8.73 -0.84 4.52
C TRP A 188 10.22 -0.46 4.51
N TYR A 189 10.48 0.83 4.70
CA TYR A 189 11.86 1.34 4.63
C TYR A 189 12.73 0.76 5.73
N LYS A 190 12.18 0.63 6.94
CA LYS A 190 12.95 0.03 8.03
C LYS A 190 13.27 -1.42 7.68
N VAL A 191 12.29 -2.13 7.09
CA VAL A 191 12.56 -3.49 6.63
C VAL A 191 13.65 -3.47 5.57
N TYR A 192 13.59 -2.56 4.60
CA TYR A 192 14.65 -2.52 3.58
C TYR A 192 16.02 -2.29 4.25
N ALA A 193 16.08 -1.37 5.20
CA ALA A 193 17.35 -1.07 5.88
C ALA A 193 17.88 -2.31 6.57
N GLN A 194 17.05 -3.01 7.33
CA GLN A 194 17.50 -4.19 8.06
C GLN A 194 17.84 -5.34 7.11
N TYR A 195 17.04 -5.53 6.07
CA TYR A 195 17.25 -6.65 5.16
C TYR A 195 18.50 -6.49 4.31
N THR A 196 18.75 -5.28 3.82
CA THR A 196 19.86 -5.01 2.92
C THR A 196 21.10 -4.47 3.61
N GLY A 197 20.95 -3.91 4.79
CA GLY A 197 22.08 -3.28 5.47
C GLY A 197 22.26 -1.82 5.06
N ASP A 198 21.41 -1.29 4.18
CA ASP A 198 21.53 0.11 3.77
C ASP A 198 20.75 1.00 4.73
N THR A 199 21.44 1.61 5.68
CA THR A 199 20.79 2.41 6.71
C THR A 199 20.19 3.71 6.21
N ARG A 200 20.51 4.14 5.00
CA ARG A 200 19.96 5.38 4.46
C ARG A 200 18.44 5.34 4.41
N TRP A 201 17.87 4.13 4.29
CA TRP A 201 16.40 4.00 4.29
C TRP A 201 15.77 4.51 5.59
N ASN A 202 16.51 4.50 6.69
CA ASN A 202 16.00 5.07 7.93
C ASN A 202 15.77 6.58 7.79
N GLN A 203 16.65 7.28 7.07
CA GLN A 203 16.49 8.71 6.85
C GLN A 203 15.30 8.98 5.94
N VAL A 204 15.03 8.09 4.99
CA VAL A 204 13.84 8.23 4.14
C VAL A 204 12.60 8.15 5.03
N ALA A 205 12.55 7.17 5.93
CA ALA A 205 11.41 7.06 6.84
C ALA A 205 11.22 8.32 7.70
N ASP A 206 12.34 8.81 8.26
CA ASP A 206 12.24 10.00 9.10
C ASP A 206 11.70 11.19 8.34
N LYS A 207 12.11 11.31 7.07
CA LYS A 207 11.63 12.41 6.23
C LYS A 207 10.11 12.32 6.05
N CYS A 208 9.58 11.11 5.84
CA CYS A 208 8.11 10.99 5.72
C CYS A 208 7.42 11.54 6.95
N TYR A 209 7.91 11.18 8.14
CA TYR A 209 7.28 11.70 9.36
C TYR A 209 7.39 13.22 9.41
N GLN A 210 8.53 13.77 8.98
CA GLN A 210 8.70 15.23 8.97
C GLN A 210 7.68 15.90 8.04
N ILE A 211 7.38 15.28 6.90
CA ILE A 211 6.37 15.84 5.99
C ILE A 211 5.01 15.81 6.66
N VAL A 212 4.66 14.70 7.30
CA VAL A 212 3.34 14.63 7.96
C VAL A 212 3.25 15.72 9.04
N GLU A 213 4.36 15.98 9.73
CA GLU A 213 4.37 17.03 10.73
C GLU A 213 4.11 18.39 10.09
N GLU A 214 4.67 18.65 8.91
CA GLU A 214 4.38 19.91 8.21
C GLU A 214 2.91 19.99 7.83
N VAL A 215 2.35 18.88 7.34
CA VAL A 215 0.94 18.85 6.96
C VAL A 215 0.02 19.19 8.12
N LYS A 216 0.46 18.92 9.36
CA LYS A 216 -0.34 19.27 10.53
C LYS A 216 -0.61 20.76 10.62
N LYS A 217 0.21 21.59 9.97
CA LYS A 217 -0.09 23.02 9.97
C LYS A 217 -1.36 23.35 9.20
N TYR A 218 -1.76 22.47 8.29
CA TYR A 218 -2.84 22.76 7.36
C TYR A 218 -4.03 21.84 7.46
N ASN A 219 -4.00 20.81 8.30
CA ASN A 219 -5.08 19.85 8.36
C ASN A 219 -5.99 20.00 9.57
N ASN A 220 -5.94 21.14 10.25
CA ASN A 220 -6.95 21.47 11.24
C ASN A 220 -7.21 20.39 12.26
N GLY A 221 -6.16 19.71 12.71
CA GLY A 221 -6.26 18.70 13.75
C GLY A 221 -6.98 17.42 13.37
N THR A 222 -7.22 17.19 12.08
CA THR A 222 -7.94 15.99 11.67
C THR A 222 -7.07 14.77 11.41
N GLY A 223 -5.75 14.97 11.30
CA GLY A 223 -4.87 13.87 10.91
C GLY A 223 -4.94 13.53 9.43
N LEU A 224 -5.77 14.22 8.64
CA LEU A 224 -5.85 13.87 7.23
C LEU A 224 -4.63 14.36 6.47
N VAL A 225 -4.31 13.67 5.38
CA VAL A 225 -3.19 14.03 4.51
C VAL A 225 -3.72 14.22 3.08
N PRO A 226 -3.05 15.03 2.28
CA PRO A 226 -3.47 15.28 0.91
C PRO A 226 -3.02 14.16 -0.02
N ASP A 227 -3.71 14.05 -1.15
CA ASP A 227 -3.29 13.15 -2.22
C ASP A 227 -1.86 13.47 -2.66
N TRP A 228 -1.57 14.78 -2.82
CA TRP A 228 -0.28 15.26 -3.28
C TRP A 228 0.11 16.52 -2.52
N CYS A 229 1.41 16.75 -2.35
CA CYS A 229 1.89 17.97 -1.72
C CYS A 229 3.38 18.17 -2.01
N THR A 230 3.82 19.40 -1.80
CA THR A 230 5.25 19.70 -1.84
C THR A 230 5.89 19.26 -0.53
N ALA A 231 7.21 19.37 -0.44
CA ALA A 231 7.96 19.03 0.76
C ALA A 231 7.67 20.01 1.90
N SER A 232 6.99 21.11 1.63
CA SER A 232 6.54 22.04 2.66
C SER A 232 5.14 21.66 3.15
N GLY A 233 4.56 20.59 2.63
CA GLY A 233 3.21 20.17 3.03
C GLY A 233 2.12 21.04 2.43
N THR A 234 2.45 21.83 1.42
CA THR A 234 1.55 22.75 0.74
C THR A 234 1.11 22.16 -0.58
N PRO A 235 0.13 22.74 -1.27
CA PRO A 235 -0.38 22.16 -2.49
C PRO A 235 0.67 21.99 -3.58
N ALA A 236 0.58 20.85 -4.25
CA ALA A 236 1.39 20.56 -5.44
C ALA A 236 0.58 21.10 -6.62
N SER A 237 1.25 21.83 -7.50
CA SER A 237 0.58 22.49 -8.60
C SER A 237 -0.20 21.52 -9.49
N GLY A 238 -1.46 21.84 -9.72
CA GLY A 238 -2.31 21.07 -10.60
C GLY A 238 -2.68 19.70 -10.09
N GLN A 239 -2.41 19.39 -8.83
CA GLN A 239 -2.69 18.09 -8.24
C GLN A 239 -3.56 18.22 -7.00
N SER A 240 -4.38 17.21 -6.77
CA SER A 240 -5.26 17.22 -5.61
C SER A 240 -4.54 17.42 -4.29
N TYR A 241 -5.05 18.36 -3.49
CA TYR A 241 -4.59 18.59 -2.13
C TYR A 241 -5.62 18.04 -1.14
N ASP A 242 -6.60 17.29 -1.63
CA ASP A 242 -7.64 16.73 -0.78
C ASP A 242 -7.31 15.28 -0.43
N TYR A 243 -8.00 14.75 0.57
CA TYR A 243 -7.90 13.36 0.97
C TYR A 243 -8.92 12.59 0.13
N LYS A 244 -8.41 11.96 -0.93
CA LYS A 244 -9.25 11.20 -1.85
C LYS A 244 -8.66 9.82 -2.07
N TYR A 245 -8.78 9.27 -3.29
CA TYR A 245 -8.49 7.86 -3.52
C TYR A 245 -7.01 7.52 -3.46
N ASP A 246 -6.13 8.50 -3.52
CA ASP A 246 -4.70 8.21 -3.25
C ASP A 246 -4.49 8.17 -1.73
N ALA A 247 -4.77 9.30 -1.09
CA ALA A 247 -4.54 9.52 0.33
C ALA A 247 -5.12 8.47 1.24
N THR A 248 -6.25 7.86 0.84
CA THR A 248 -6.86 6.84 1.66
C THR A 248 -5.89 5.73 2.08
N ARG A 249 -4.85 5.47 1.30
CA ARG A 249 -3.94 4.38 1.66
C ARG A 249 -3.01 4.72 2.83
N TYR A 250 -2.91 5.99 3.19
CA TYR A 250 -2.03 6.42 4.28
C TYR A 250 -2.25 5.68 5.59
N GLY A 251 -3.51 5.50 6.01
CA GLY A 251 -3.78 4.85 7.30
C GLY A 251 -3.31 3.40 7.29
N TRP A 252 -3.40 2.76 6.14
CA TRP A 252 -2.91 1.39 6.02
C TRP A 252 -1.38 1.36 6.14
N ARG A 253 -0.70 2.05 5.22
CA ARG A 253 0.75 1.92 5.20
C ARG A 253 1.39 2.37 6.49
N THR A 254 0.84 3.43 7.06
CA THR A 254 1.54 4.05 8.18
C THR A 254 1.22 3.46 9.54
N ALA A 255 0.06 2.82 9.72
CA ALA A 255 -0.22 2.17 11.00
C ALA A 255 0.74 1.00 11.22
N VAL A 256 1.16 0.36 10.14
CA VAL A 256 2.04 -0.81 10.22
C VAL A 256 3.30 -0.53 11.00
N ASP A 257 3.86 0.68 10.90
CA ASP A 257 5.09 0.99 11.64
C ASP A 257 4.85 0.90 13.14
N TYR A 258 3.64 1.25 13.59
CA TYR A 258 3.34 1.09 15.00
C TYR A 258 3.29 -0.40 15.37
N SER A 259 2.54 -1.21 14.62
CA SER A 259 2.42 -2.62 14.96
C SER A 259 3.74 -3.36 14.90
N TRP A 260 4.54 -3.11 13.86
CA TRP A 260 5.78 -3.84 13.68
C TRP A 260 6.94 -3.34 14.54
N PHE A 261 7.03 -2.02 14.68
CA PHE A 261 8.19 -1.38 15.30
C PHE A 261 7.89 -0.51 16.49
N GLY A 262 6.63 -0.30 16.83
CA GLY A 262 6.24 0.50 17.98
C GLY A 262 6.51 1.98 17.80
N ASP A 263 6.54 2.43 16.54
CA ASP A 263 6.86 3.84 16.28
C ASP A 263 5.82 4.79 16.86
N GLN A 264 6.22 5.61 17.80
CA GLN A 264 5.27 6.50 18.47
C GLN A 264 4.79 7.62 17.58
N ARG A 265 5.55 7.98 16.55
CA ARG A 265 5.07 9.00 15.60
C ARG A 265 3.88 8.44 14.82
N ALA A 266 4.01 7.18 14.41
CA ALA A 266 2.92 6.52 13.68
C ALA A 266 1.65 6.49 14.51
N LYS A 267 1.76 6.15 15.80
CA LYS A 267 0.59 6.13 16.67
C LYS A 267 -0.01 7.52 16.85
N ALA A 268 0.85 8.51 17.09
CA ALA A 268 0.29 9.86 17.30
C ALA A 268 -0.51 10.30 16.10
N ASN A 269 0.03 10.05 14.91
CA ASN A 269 -0.62 10.49 13.69
C ASN A 269 -1.87 9.70 13.36
N CYS A 270 -1.79 8.38 13.47
CA CYS A 270 -2.94 7.53 13.18
C CYS A 270 -4.04 7.70 14.22
N ASP A 271 -3.70 7.98 15.48
CA ASP A 271 -4.76 8.27 16.45
C ASP A 271 -5.53 9.52 16.01
N MET A 272 -4.85 10.54 15.50
CA MET A 272 -5.54 11.75 15.06
C MET A 272 -6.53 11.42 13.95
N LEU A 273 -6.07 10.66 12.94
CA LEU A 273 -6.92 10.29 11.82
C LEU A 273 -8.13 9.49 12.28
N THR A 274 -7.89 8.50 13.15
CA THR A 274 -8.98 7.65 13.64
C THR A 274 -10.00 8.49 14.39
N LYS A 275 -9.50 9.39 15.24
CA LYS A 275 -10.38 10.26 16.01
C LYS A 275 -11.25 11.11 15.11
N PHE A 276 -10.70 11.60 14.01
CA PHE A 276 -11.49 12.36 13.04
C PHE A 276 -12.65 11.50 12.54
N PHE A 277 -12.35 10.25 12.12
CA PHE A 277 -13.41 9.40 11.58
C PHE A 277 -14.42 8.99 12.65
N ALA A 278 -14.05 9.01 13.93
CA ALA A 278 -14.99 8.71 15.00
C ALA A 278 -16.10 9.75 15.09
N ARG A 279 -15.92 10.94 14.51
CA ARG A 279 -16.98 11.94 14.58
C ARG A 279 -18.28 11.41 13.97
N ASP A 280 -18.19 10.79 12.80
CA ASP A 280 -19.35 10.25 12.12
C ASP A 280 -19.53 8.74 12.28
N GLY A 281 -18.51 8.06 12.77
CA GLY A 281 -18.61 6.63 12.97
C GLY A 281 -18.26 5.84 11.71
N ALA A 282 -18.22 4.53 11.85
CA ALA A 282 -17.81 3.67 10.75
C ALA A 282 -18.72 3.79 9.54
N LYS A 283 -20.02 3.88 9.76
CA LYS A 283 -20.98 3.95 8.67
C LYS A 283 -20.89 5.26 7.91
N GLY A 284 -20.32 6.29 8.52
CA GLY A 284 -20.26 7.62 7.96
C GLY A 284 -19.04 7.92 7.11
N ILE A 285 -18.10 6.99 6.99
CA ILE A 285 -16.91 7.22 6.17
C ILE A 285 -17.32 7.46 4.73
N VAL A 286 -16.78 8.52 4.12
CA VAL A 286 -17.07 8.81 2.72
C VAL A 286 -15.76 8.94 1.94
N ASP A 287 -15.90 9.07 0.62
CA ASP A 287 -14.80 8.99 -0.33
C ASP A 287 -14.21 10.31 -0.77
N GLY A 288 -14.13 11.27 0.13
CA GLY A 288 -13.42 12.50 -0.20
C GLY A 288 -13.63 13.57 0.86
N TYR A 289 -12.52 14.13 1.34
CA TYR A 289 -12.59 15.22 2.28
C TYR A 289 -11.52 16.24 1.94
N THR A 290 -11.72 17.51 2.23
CA THR A 290 -10.58 18.41 2.27
C THR A 290 -9.74 17.96 3.49
N ILE A 291 -8.46 18.34 3.54
CA ILE A 291 -7.64 17.93 4.68
C ILE A 291 -8.03 18.65 5.95
N GLN A 292 -8.91 19.66 5.87
CA GLN A 292 -9.45 20.29 7.07
C GLN A 292 -10.71 19.57 7.53
N GLY A 293 -11.13 18.52 6.84
CA GLY A 293 -12.23 17.68 7.27
C GLY A 293 -13.55 17.86 6.54
N SER A 294 -13.62 18.76 5.56
CA SER A 294 -14.91 19.01 4.92
C SER A 294 -15.22 17.96 3.88
N LYS A 295 -16.42 17.38 3.97
CA LYS A 295 -16.79 16.35 3.00
C LYS A 295 -16.93 16.95 1.61
N ILE A 296 -16.32 16.28 0.63
CA ILE A 296 -16.41 16.74 -0.76
C ILE A 296 -16.94 15.63 -1.66
N SER A 297 -17.23 14.48 -1.10
CA SER A 297 -17.84 13.35 -1.81
C SER A 297 -18.52 12.51 -0.73
N ASN A 298 -19.52 11.74 -1.10
CA ASN A 298 -20.34 11.12 -0.05
C ASN A 298 -20.67 9.67 -0.31
N ASN A 299 -19.80 8.96 -1.05
CA ASN A 299 -19.98 7.53 -1.28
C ASN A 299 -19.26 6.74 -0.20
N HIS A 300 -19.90 5.68 0.29
CA HIS A 300 -19.40 4.83 1.35
C HIS A 300 -18.94 3.51 0.71
N ASN A 301 -17.64 3.34 0.56
CA ASN A 301 -17.14 2.21 -0.24
C ASN A 301 -15.84 1.66 0.32
N ALA A 302 -15.40 0.56 -0.31
CA ALA A 302 -14.27 -0.20 0.18
C ALA A 302 -12.94 0.52 0.01
N SER A 303 -12.87 1.58 -0.78
CA SER A 303 -11.62 2.31 -0.91
C SER A 303 -11.27 3.09 0.36
N PHE A 304 -12.25 3.39 1.23
CA PHE A 304 -12.01 4.26 2.36
C PHE A 304 -12.20 3.63 3.73
N ILE A 305 -12.87 2.49 3.83
CA ILE A 305 -13.21 1.94 5.16
C ILE A 305 -12.04 1.19 5.78
N GLY A 306 -11.50 0.20 5.06
CA GLY A 306 -10.41 -0.61 5.59
C GLY A 306 -9.21 0.19 6.05
N PRO A 307 -8.78 1.21 5.30
CA PRO A 307 -7.63 2.00 5.77
C PRO A 307 -7.88 2.69 7.09
N VAL A 308 -9.12 3.11 7.38
CA VAL A 308 -9.44 3.72 8.68
C VAL A 308 -9.38 2.63 9.74
N ALA A 309 -9.89 1.43 9.44
CA ALA A 309 -9.72 0.30 10.37
C ALA A 309 -8.23 0.07 10.65
N ALA A 310 -7.40 0.15 9.61
CA ALA A 310 -5.95 0.01 9.83
C ALA A 310 -5.42 1.08 10.77
N ALA A 311 -5.76 2.34 10.53
CA ALA A 311 -5.29 3.41 11.40
C ALA A 311 -5.73 3.19 12.85
N SER A 312 -6.93 2.61 13.00
CA SER A 312 -7.49 2.38 14.34
C SER A 312 -6.70 1.39 15.15
N MET A 313 -5.84 0.60 14.52
CA MET A 313 -4.96 -0.32 15.22
C MET A 313 -4.04 0.40 16.19
N THR A 314 -3.74 1.68 15.96
CA THR A 314 -2.78 2.34 16.84
C THR A 314 -3.39 2.69 18.19
N GLY A 315 -4.69 2.50 18.38
CA GLY A 315 -5.27 2.53 19.70
C GLY A 315 -6.06 3.68 20.20
N TYR A 316 -6.53 4.57 19.33
CA TYR A 316 -7.37 5.68 19.80
C TYR A 316 -8.58 5.17 20.58
N ASP A 317 -9.24 4.14 20.05
CA ASP A 317 -10.45 3.60 20.67
C ASP A 317 -10.65 2.20 20.09
N LEU A 318 -10.35 1.18 20.88
CA LEU A 318 -10.44 -0.20 20.42
C LEU A 318 -11.86 -0.67 20.19
N ASN A 319 -12.85 -0.04 20.83
CA ASN A 319 -14.24 -0.37 20.54
C ASN A 319 -14.60 0.12 19.13
N PHE A 320 -14.20 1.34 18.83
CA PHE A 320 -14.39 1.88 17.48
C PHE A 320 -13.64 1.01 16.47
N ALA A 321 -12.44 0.55 16.81
CA ALA A 321 -11.68 -0.34 15.92
C ALA A 321 -12.52 -1.56 15.58
N LYS A 322 -13.17 -2.16 16.55
CA LYS A 322 -14.01 -3.33 16.28
C LYS A 322 -15.13 -3.00 15.32
N GLU A 323 -15.77 -1.84 15.51
CA GLU A 323 -16.82 -1.41 14.60
C GLU A 323 -16.27 -1.21 13.18
N LEU A 324 -15.06 -0.68 13.08
CA LEU A 324 -14.42 -0.47 11.78
C LEU A 324 -14.08 -1.80 11.11
N TYR A 325 -13.65 -2.79 11.88
CA TYR A 325 -13.43 -4.12 11.33
C TYR A 325 -14.74 -4.64 10.72
N ARG A 326 -15.81 -4.55 11.50
CA ARG A 326 -17.11 -5.07 11.03
C ARG A 326 -17.54 -4.37 9.74
N GLU A 327 -17.30 -3.06 9.68
CA GLU A 327 -17.69 -2.29 8.49
C GLU A 327 -16.84 -2.65 7.27
N THR A 328 -15.56 -2.92 7.53
CA THR A 328 -14.63 -3.33 6.46
C THR A 328 -15.12 -4.61 5.83
N VAL A 329 -15.52 -5.57 6.66
CA VAL A 329 -16.06 -6.83 6.16
C VAL A 329 -17.36 -6.57 5.41
N ALA A 330 -18.25 -5.76 5.97
CA ALA A 330 -19.59 -5.57 5.42
C ALA A 330 -19.65 -4.89 4.06
N VAL A 331 -18.73 -3.98 3.77
CA VAL A 331 -18.83 -3.18 2.57
C VAL A 331 -17.87 -3.69 1.50
N LYS A 332 -18.45 -4.31 0.49
CA LYS A 332 -17.70 -4.85 -0.63
C LYS A 332 -18.25 -4.21 -1.89
N ASP A 333 -17.38 -3.64 -2.72
CA ASP A 333 -17.85 -2.93 -3.89
C ASP A 333 -18.38 -3.87 -4.97
N SER A 334 -19.31 -3.36 -5.76
CA SER A 334 -19.81 -4.19 -6.86
C SER A 334 -18.70 -4.31 -7.91
N GLU A 335 -18.88 -5.28 -8.81
CA GLU A 335 -17.79 -5.66 -9.68
C GLU A 335 -17.38 -4.73 -10.79
N TYR A 336 -18.25 -3.88 -11.31
CA TYR A 336 -17.83 -2.93 -12.35
C TYR A 336 -16.63 -2.11 -11.87
N TYR A 337 -16.67 -1.78 -10.57
CA TYR A 337 -15.60 -1.04 -9.93
C TYR A 337 -14.85 -1.91 -8.91
N GLY A 338 -14.76 -3.19 -9.19
CA GLY A 338 -14.23 -4.17 -8.27
C GLY A 338 -12.74 -4.26 -8.03
N TYR A 339 -11.96 -3.45 -8.76
CA TYR A 339 -10.52 -3.55 -8.57
C TYR A 339 -10.00 -2.84 -7.33
N TYR A 340 -10.17 -1.52 -7.26
CA TYR A 340 -9.37 -0.76 -6.29
C TYR A 340 -9.79 -0.93 -4.85
N GLY A 341 -11.05 -0.61 -4.57
CA GLY A 341 -11.52 -0.72 -3.19
C GLY A 341 -11.43 -2.12 -2.65
N ASN A 342 -11.81 -3.12 -3.46
CA ASN A 342 -11.82 -4.49 -2.94
C ASN A 342 -10.41 -5.00 -2.73
N SER A 343 -9.41 -4.45 -3.44
CA SER A 343 -8.02 -4.78 -3.18
C SER A 343 -7.55 -4.19 -1.85
N LEU A 344 -7.86 -2.90 -1.63
CA LEU A 344 -7.53 -2.29 -0.34
C LEU A 344 -8.25 -2.97 0.80
N ARG A 345 -9.49 -3.39 0.57
CA ARG A 345 -10.23 -4.11 1.58
C ARG A 345 -9.50 -5.36 2.01
N LEU A 346 -9.06 -6.17 1.03
CA LEU A 346 -8.39 -7.43 1.40
C LEU A 346 -7.03 -7.19 2.05
N LEU A 347 -6.26 -6.23 1.54
CA LEU A 347 -4.96 -5.92 2.15
C LEU A 347 -5.14 -5.48 3.60
N THR A 348 -6.09 -4.55 3.81
CA THR A 348 -6.29 -4.08 5.18
C THR A 348 -6.87 -5.16 6.08
N LEU A 349 -7.72 -6.04 5.54
CA LEU A 349 -8.22 -7.15 6.33
C LEU A 349 -7.05 -8.05 6.78
N LEU A 350 -6.08 -8.29 5.92
CA LEU A 350 -4.93 -9.09 6.37
C LEU A 350 -4.27 -8.41 7.56
N TYR A 351 -4.02 -7.11 7.45
CA TYR A 351 -3.32 -6.41 8.51
C TYR A 351 -4.11 -6.41 9.82
N ILE A 352 -5.37 -6.00 9.79
CA ILE A 352 -6.14 -5.81 11.02
C ILE A 352 -6.56 -7.09 11.69
N THR A 353 -6.40 -8.24 11.04
CA THR A 353 -6.67 -9.53 11.63
C THR A 353 -5.40 -10.22 12.14
N GLY A 354 -4.26 -9.55 12.08
CA GLY A 354 -3.02 -10.12 12.58
C GLY A 354 -2.28 -10.97 11.55
N ASN A 355 -2.60 -10.78 10.28
CA ASN A 355 -2.05 -11.59 9.20
C ASN A 355 -1.15 -10.82 8.23
N PHE A 356 -0.51 -9.76 8.73
CA PHE A 356 0.50 -9.02 7.97
C PHE A 356 1.71 -8.76 8.87
N PRO A 357 2.39 -9.81 9.34
CA PRO A 357 3.54 -9.63 10.22
C PRO A 357 4.75 -9.08 9.49
N ASN A 358 5.64 -8.48 10.26
CA ASN A 358 6.93 -8.01 9.71
C ASN A 358 7.62 -9.21 9.10
N PRO A 359 8.04 -9.17 7.85
CA PRO A 359 8.65 -10.34 7.22
C PRO A 359 9.97 -10.75 7.81
N LEU A 360 10.61 -9.87 8.56
CA LEU A 360 11.87 -10.18 9.21
C LEU A 360 11.69 -10.76 10.60
N SER A 361 10.44 -10.88 11.06
CA SER A 361 10.18 -11.44 12.39
C SER A 361 10.06 -12.95 12.31
N ASP A 362 9.90 -13.59 13.47
CA ASP A 362 9.76 -15.05 13.51
C ASP A 362 8.38 -15.40 12.95
N LEU A 363 8.34 -15.95 11.74
CA LEU A 363 7.08 -16.26 11.10
C LEU A 363 6.56 -17.65 11.44
HG HG B . -0.06 6.88 10.93
HG HG C . 4.42 16.36 0.42
HG HG D . 8.59 10.70 2.54
HG HG E . 0.31 -9.67 2.88
HG HG F . 2.37 -10.47 2.50
HG HG G . 10.21 5.15 -8.41
CL CL H . 1.91 8.04 10.48
CL CL I . -0.66 -7.66 2.43
CL CL J . 4.05 -9.22 1.53
CL CL K . 11.08 10.19 2.36
CL CL L . 6.65 15.83 0.43
CL CL M . 8.81 12.66 1.31
CL CL N . 8.44 5.46 -9.88
#